data_6YBG
#
_entry.id   6YBG
#
_cell.length_a   126.749
_cell.length_b   79.061
_cell.length_c   42.294
_cell.angle_alpha   90.000
_cell.angle_beta   98.860
_cell.angle_gamma   90.000
#
_symmetry.space_group_name_H-M   'C 1 2 1'
#
loop_
_entity.id
_entity.type
_entity.pdbx_description
1 polymer 'Induced myeloid leukemia cell differentiation protein Mcl-1'
2 non-polymer '(2~{R})-2-[5-[3-chloranyl-2-methyl-4-[2-(4-methylpiperazin-1-yl)ethoxy]phenyl]-6-(3-chlorophenyl)thieno[2,3-d]pyrimidin-4-yl]oxy-3-(2-methoxyphenyl)propanoic acid'
3 non-polymer 'CHLORIDE ION'
4 water water
#
_entity_poly.entity_id   1
_entity_poly.type   'polypeptide(L)'
_entity_poly.pdbx_seq_one_letter_code
;MHHHHHHLVPRGSEDELYRQSLEIISRYLREQATGAKDTKPMGRSGATSRKALETLRRVGDGVQRNHETAFQGMLRKLDI
KNEDDVKSLSRVMIHVFSDGVTNWGRIVTLISFGAFVAKHLKTINQESCIEPLAESITDVLVRTKRDWLVKQRGWDGFVE
FFHVEDLEGG
;
_entity_poly.pdbx_strand_id   A,B
#
# COMPACT_ATOMS: atom_id res chain seq x y z
N ASP A 15 -4.65 14.14 18.91
CA ASP A 15 -3.94 13.59 17.72
C ASP A 15 -4.04 12.06 17.75
N GLU A 16 -5.16 11.52 17.27
CA GLU A 16 -5.50 10.11 17.51
C GLU A 16 -4.61 9.22 16.65
N LEU A 17 -4.14 9.73 15.52
CA LEU A 17 -3.25 8.96 14.60
C LEU A 17 -1.90 8.71 15.29
N TYR A 18 -1.31 9.76 15.85
CA TYR A 18 -0.10 9.65 16.71
C TYR A 18 -0.34 8.59 17.80
N ARG A 19 -1.44 8.65 18.55
CA ARG A 19 -1.69 7.70 19.65
C ARG A 19 -1.76 6.29 19.08
N GLN A 20 -2.49 6.09 17.99
CA GLN A 20 -2.69 4.74 17.44
C GLN A 20 -1.36 4.24 16.86
N SER A 21 -0.62 5.08 16.15
CA SER A 21 0.70 4.70 15.60
C SER A 21 1.63 4.27 16.75
N LEU A 22 1.69 5.04 17.84
CA LEU A 22 2.56 4.75 19.03
C LEU A 22 2.13 3.44 19.69
N GLU A 23 0.82 3.15 19.74
CA GLU A 23 0.30 1.94 20.42
C GLU A 23 0.82 0.72 19.66
N ILE A 24 0.64 0.70 18.35
CA ILE A 24 1.09 -0.41 17.45
C ILE A 24 2.62 -0.58 17.51
N ILE A 25 3.39 0.50 17.39
CA ILE A 25 4.87 0.41 17.24
C ILE A 25 5.50 0.01 18.56
N SER A 26 5.09 0.66 19.65
CA SER A 26 5.44 0.34 21.05
C SER A 26 5.19 -1.15 21.34
N ARG A 27 4.01 -1.66 21.04
CA ARG A 27 3.65 -3.07 21.39
C ARG A 27 4.44 -4.06 20.57
N TYR A 28 4.67 -3.75 19.29
CA TYR A 28 5.54 -4.55 18.41
C TYR A 28 6.97 -4.63 18.97
N LEU A 29 7.59 -3.48 19.25
CA LEU A 29 8.99 -3.41 19.75
C LEU A 29 9.03 -4.15 21.08
N ARG A 30 8.13 -3.80 22.01
CA ARG A 30 8.07 -4.44 23.36
C ARG A 30 7.97 -5.95 23.20
N GLU A 31 7.02 -6.49 22.43
CA GLU A 31 6.86 -7.96 22.36
C GLU A 31 8.04 -8.60 21.61
N GLN A 32 8.70 -7.88 20.69
CA GLN A 32 9.88 -8.48 20.00
C GLN A 32 11.01 -8.63 21.02
N ALA A 33 11.18 -7.65 21.89
CA ALA A 33 12.27 -7.59 22.88
C ALA A 33 12.06 -8.70 23.91
N THR A 34 10.84 -8.79 24.45
CA THR A 34 10.44 -9.66 25.59
C THR A 34 10.03 -11.05 25.10
N GLY A 35 9.70 -11.22 23.82
CA GLY A 35 9.16 -12.48 23.25
C GLY A 35 7.75 -12.84 23.74
N ALA A 36 7.06 -11.93 24.45
CA ALA A 36 5.77 -12.18 25.14
C ALA A 36 4.75 -11.10 24.76
N LYS A 37 3.56 -11.51 24.30
CA LYS A 37 2.44 -10.59 23.92
C LYS A 37 1.81 -10.03 25.21
N ASP A 38 1.26 -8.81 25.13
CA ASP A 38 0.67 -8.04 26.26
C ASP A 38 0.02 -8.99 27.29
N SER A 45 -11.06 1.62 16.69
CA SER A 45 -9.63 1.45 16.31
C SER A 45 -9.05 0.18 16.93
N GLY A 46 -9.61 -0.32 18.05
CA GLY A 46 -9.26 -1.62 18.64
C GLY A 46 -8.99 -2.67 17.57
N ALA A 47 -9.90 -2.79 16.61
CA ALA A 47 -9.85 -3.79 15.52
C ALA A 47 -8.61 -3.55 14.64
N THR A 48 -8.45 -2.37 14.05
CA THR A 48 -7.35 -2.03 13.11
C THR A 48 -6.00 -2.30 13.79
N SER A 49 -5.82 -1.79 15.01
CA SER A 49 -4.57 -1.87 15.80
C SER A 49 -4.13 -3.34 15.94
N ARG A 50 -5.05 -4.22 16.31
CA ARG A 50 -4.77 -5.66 16.50
C ARG A 50 -4.44 -6.28 15.14
N LYS A 51 -5.06 -5.81 14.05
CA LYS A 51 -4.84 -6.36 12.69
C LYS A 51 -3.47 -5.88 12.19
N ALA A 52 -3.15 -4.63 12.49
CA ALA A 52 -1.88 -3.94 12.12
C ALA A 52 -0.70 -4.58 12.86
N LEU A 53 -0.87 -4.85 14.15
CA LEU A 53 0.12 -5.58 15.00
C LEU A 53 0.36 -6.97 14.41
N GLU A 54 -0.72 -7.69 14.08
CA GLU A 54 -0.67 -9.06 13.50
C GLU A 54 0.16 -9.03 12.21
N THR A 55 0.04 -7.96 11.43
CA THR A 55 0.71 -7.82 10.11
C THR A 55 2.21 -7.60 10.27
N LEU A 56 2.59 -6.69 11.18
CA LEU A 56 4.00 -6.44 11.59
C LEU A 56 4.61 -7.75 12.06
N ARG A 57 3.90 -8.48 12.92
CA ARG A 57 4.36 -9.79 13.42
C ARG A 57 4.74 -10.67 12.24
N ARG A 58 4.09 -10.49 11.11
CA ARG A 58 4.32 -11.31 9.90
C ARG A 58 5.35 -10.62 9.00
N VAL A 59 5.09 -9.38 8.55
CA VAL A 59 6.01 -8.75 7.55
C VAL A 59 7.30 -8.32 8.27
N GLY A 60 7.19 -7.82 9.50
CA GLY A 60 8.33 -7.28 10.28
C GLY A 60 9.40 -8.33 10.53
N ASP A 61 9.02 -9.51 11.03
CA ASP A 61 9.93 -10.62 11.33
C ASP A 61 10.54 -11.17 10.05
N GLY A 62 9.81 -11.12 8.94
CA GLY A 62 10.36 -11.43 7.60
C GLY A 62 11.48 -10.47 7.25
N VAL A 63 11.29 -9.18 7.51
CA VAL A 63 12.30 -8.15 7.12
C VAL A 63 13.56 -8.42 7.93
N GLN A 64 13.40 -8.66 9.23
CA GLN A 64 14.55 -8.84 10.16
C GLN A 64 15.31 -10.08 9.75
N ARG A 65 14.59 -11.19 9.56
CA ARG A 65 15.19 -12.49 9.13
C ARG A 65 15.94 -12.26 7.83
N ASN A 66 15.30 -11.63 6.84
CA ASN A 66 15.90 -11.43 5.49
C ASN A 66 17.12 -10.49 5.50
N HIS A 67 17.17 -9.48 6.37
CA HIS A 67 18.20 -8.40 6.28
C HIS A 67 19.07 -8.40 7.55
N GLU A 68 19.15 -9.53 8.24
CA GLU A 68 19.88 -9.67 9.52
C GLU A 68 21.29 -9.09 9.40
N THR A 69 21.96 -9.27 8.28
CA THR A 69 23.38 -8.88 8.14
C THR A 69 23.48 -7.37 8.12
N ALA A 70 22.66 -6.70 7.30
CA ALA A 70 22.65 -5.24 7.10
C ALA A 70 22.21 -4.59 8.41
N PHE A 71 21.20 -5.15 9.05
CA PHE A 71 20.67 -4.65 10.35
C PHE A 71 21.78 -4.72 11.40
N GLN A 72 22.43 -5.88 11.53
CA GLN A 72 23.50 -6.08 12.54
C GLN A 72 24.67 -5.12 12.25
N GLY A 73 25.05 -4.97 10.99
CA GLY A 73 26.16 -4.10 10.59
C GLY A 73 25.85 -2.68 10.95
N MET A 74 24.63 -2.23 10.62
CA MET A 74 24.14 -0.87 10.94
C MET A 74 24.15 -0.68 12.45
N LEU A 75 23.60 -1.64 13.20
CA LEU A 75 23.49 -1.50 14.66
C LEU A 75 24.91 -1.38 15.27
N ARG A 76 25.85 -2.22 14.84
CA ARG A 76 27.26 -2.19 15.34
C ARG A 76 27.84 -0.80 15.01
N LYS A 77 27.62 -0.31 13.81
CA LYS A 77 28.12 1.02 13.42
C LYS A 77 27.48 2.11 14.30
N LEU A 78 26.18 2.05 14.61
CA LEU A 78 25.50 3.10 15.43
C LEU A 78 25.99 3.15 16.88
N ASP A 79 26.43 2.00 17.40
CA ASP A 79 26.98 1.87 18.77
C ASP A 79 25.96 2.35 19.81
N ILE A 80 24.94 1.54 20.10
CA ILE A 80 23.80 1.98 20.93
C ILE A 80 23.90 1.27 22.27
N LYS A 81 24.19 1.99 23.35
CA LYS A 81 24.48 1.39 24.66
C LYS A 81 23.58 2.00 25.74
N ASN A 82 22.88 3.10 25.45
CA ASN A 82 22.16 3.87 26.50
C ASN A 82 21.16 4.84 25.88
N GLU A 83 20.39 5.52 26.75
CA GLU A 83 19.29 6.42 26.38
C GLU A 83 19.81 7.58 25.52
N ASP A 84 21.00 8.10 25.79
CA ASP A 84 21.57 9.22 25.00
C ASP A 84 21.82 8.74 23.56
N ASP A 85 22.38 7.53 23.41
CA ASP A 85 22.60 6.95 22.07
C ASP A 85 21.26 6.88 21.33
N VAL A 86 20.20 6.40 21.99
CA VAL A 86 18.89 6.18 21.33
C VAL A 86 18.27 7.54 20.92
N LYS A 87 18.30 8.52 21.82
CA LYS A 87 17.77 9.90 21.62
C LYS A 87 18.48 10.57 20.42
N SER A 88 19.73 10.24 20.13
CA SER A 88 20.49 10.86 19.02
C SER A 88 20.18 10.18 17.66
N LEU A 89 19.28 9.18 17.62
CA LEU A 89 18.95 8.46 16.36
C LEU A 89 17.93 9.22 15.48
N SER A 90 17.12 10.11 16.03
CA SER A 90 15.93 10.64 15.32
C SER A 90 16.36 11.32 14.02
N ARG A 91 17.39 12.14 14.06
CA ARG A 91 17.86 12.87 12.87
C ARG A 91 18.14 11.91 11.71
N VAL A 92 19.01 10.91 11.92
CA VAL A 92 19.44 9.98 10.85
C VAL A 92 18.18 9.24 10.38
N MET A 93 17.24 8.94 11.27
CA MET A 93 16.01 8.21 10.91
C MET A 93 15.19 9.11 9.96
N ILE A 94 15.03 10.39 10.32
CA ILE A 94 14.29 11.38 9.49
C ILE A 94 15.02 11.53 8.16
N HIS A 95 16.34 11.68 8.17
CA HIS A 95 17.08 11.91 6.91
C HIS A 95 16.80 10.72 5.98
N VAL A 96 16.96 9.49 6.47
CA VAL A 96 16.96 8.27 5.62
C VAL A 96 15.53 7.96 5.18
N PHE A 97 14.57 8.06 6.09
CA PHE A 97 13.15 7.80 5.79
C PHE A 97 12.62 8.84 4.78
N SER A 98 12.88 10.13 5.00
CA SER A 98 12.46 11.24 4.09
C SER A 98 13.20 11.14 2.76
N ASP A 99 14.44 10.66 2.74
CA ASP A 99 15.32 10.67 1.54
C ASP A 99 14.68 9.87 0.42
N GLY A 100 14.13 8.68 0.75
CA GLY A 100 13.52 7.74 -0.20
C GLY A 100 12.03 7.98 -0.42
N VAL A 101 11.43 7.12 -1.25
CA VAL A 101 9.98 7.15 -1.59
C VAL A 101 9.21 6.79 -0.32
N THR A 102 8.01 7.35 -0.14
CA THR A 102 7.09 6.83 0.91
C THR A 102 6.25 5.69 0.35
N ASN A 103 6.38 4.51 0.93
CA ASN A 103 5.43 3.39 0.71
C ASN A 103 5.40 2.55 2.00
N TRP A 104 4.43 1.63 2.12
CA TRP A 104 4.30 0.78 3.34
C TRP A 104 5.55 -0.09 3.56
N GLY A 105 6.18 -0.57 2.49
CA GLY A 105 7.43 -1.33 2.55
C GLY A 105 8.51 -0.61 3.36
N ARG A 106 8.80 0.65 3.06
CA ARG A 106 9.82 1.48 3.75
C ARG A 106 9.35 1.81 5.16
N ILE A 107 8.06 2.00 5.38
CA ILE A 107 7.53 2.18 6.76
C ILE A 107 7.81 0.93 7.59
N VAL A 108 7.63 -0.25 7.01
CA VAL A 108 7.80 -1.53 7.75
C VAL A 108 9.29 -1.73 8.08
N THR A 109 10.20 -1.32 7.18
CA THR A 109 11.66 -1.48 7.33
C THR A 109 12.11 -0.64 8.52
N LEU A 110 11.57 0.59 8.62
CA LEU A 110 11.81 1.54 9.73
C LEU A 110 11.37 0.86 11.01
N ILE A 111 10.15 0.31 11.05
CA ILE A 111 9.62 -0.33 12.29
C ILE A 111 10.37 -1.64 12.60
N SER A 112 10.79 -2.36 11.56
CA SER A 112 11.51 -3.65 11.73
C SER A 112 12.89 -3.37 12.34
N PHE A 113 13.60 -2.34 11.88
CA PHE A 113 14.93 -1.99 12.40
C PHE A 113 14.78 -1.58 13.86
N GLY A 114 13.75 -0.81 14.13
CA GLY A 114 13.38 -0.45 15.51
C GLY A 114 13.29 -1.69 16.38
N ALA A 115 12.60 -2.72 15.90
CA ALA A 115 12.37 -3.99 16.63
C ALA A 115 13.73 -4.66 16.86
N PHE A 116 14.57 -4.69 15.82
CA PHE A 116 15.92 -5.26 15.84
C PHE A 116 16.76 -4.52 16.91
N VAL A 117 16.66 -3.19 16.98
CA VAL A 117 17.36 -2.39 18.04
C VAL A 117 16.73 -2.69 19.40
N ALA A 118 15.41 -2.81 19.50
CA ALA A 118 14.76 -3.09 20.81
C ALA A 118 15.33 -4.41 21.40
N LYS A 119 15.52 -5.39 20.53
CA LYS A 119 16.07 -6.70 20.93
C LYS A 119 17.46 -6.57 21.51
N HIS A 120 18.34 -5.82 20.83
CA HIS A 120 19.70 -5.48 21.30
C HIS A 120 19.58 -4.81 22.67
N LEU A 121 18.71 -3.83 22.80
CA LEU A 121 18.54 -3.05 24.04
C LEU A 121 18.13 -3.97 25.18
N LYS A 122 17.21 -4.89 24.95
CA LYS A 122 16.80 -5.85 26.02
C LYS A 122 18.01 -6.75 26.38
N THR A 123 18.78 -7.19 25.39
CA THR A 123 19.92 -8.09 25.63
C THR A 123 20.87 -7.43 26.64
N ILE A 124 21.17 -6.14 26.49
CA ILE A 124 22.21 -5.44 27.30
C ILE A 124 21.56 -4.75 28.51
N ASN A 125 20.36 -5.19 28.93
CA ASN A 125 19.60 -4.68 30.11
C ASN A 125 19.34 -3.17 29.99
N GLN A 126 19.01 -2.65 28.80
CA GLN A 126 18.64 -1.23 28.60
C GLN A 126 17.22 -1.19 28.04
N GLU A 127 16.32 -2.00 28.61
CA GLU A 127 14.91 -2.20 28.20
C GLU A 127 14.15 -0.88 28.38
N SER A 128 14.54 -0.05 29.35
CA SER A 128 13.92 1.27 29.60
C SER A 128 14.15 2.21 28.40
N CYS A 129 15.07 1.93 27.45
CA CYS A 129 15.22 2.75 26.22
C CYS A 129 14.22 2.35 25.12
N ILE A 130 13.50 1.24 25.26
CA ILE A 130 12.59 0.74 24.18
C ILE A 130 11.45 1.74 23.95
N GLU A 131 10.88 2.34 25.00
CA GLU A 131 9.72 3.24 24.86
C GLU A 131 10.15 4.52 24.13
N PRO A 132 11.21 5.22 24.56
CA PRO A 132 11.66 6.39 23.80
C PRO A 132 12.03 6.05 22.35
N LEU A 133 12.60 4.86 22.09
CA LEU A 133 12.84 4.38 20.70
C LEU A 133 11.52 4.33 19.91
N ALA A 134 10.44 3.76 20.47
CA ALA A 134 9.13 3.62 19.80
C ALA A 134 8.54 5.02 19.56
N GLU A 135 8.68 5.91 20.53
CA GLU A 135 8.19 7.31 20.45
C GLU A 135 8.99 8.03 19.36
N SER A 136 10.30 7.82 19.35
CA SER A 136 11.19 8.40 18.32
C SER A 136 10.78 7.94 16.91
N ILE A 137 10.43 6.68 16.72
CA ILE A 137 10.10 6.11 15.37
C ILE A 137 8.70 6.62 14.97
N THR A 138 7.79 6.69 15.93
CA THR A 138 6.44 7.26 15.73
C THR A 138 6.57 8.74 15.31
N ASP A 139 7.37 9.55 16.02
CA ASP A 139 7.63 10.96 15.64
C ASP A 139 8.18 10.99 14.21
N VAL A 140 9.18 10.18 13.86
CA VAL A 140 9.71 10.20 12.47
C VAL A 140 8.53 10.06 11.50
N LEU A 141 7.70 9.04 11.72
CA LEU A 141 6.71 8.52 10.74
C LEU A 141 5.59 9.55 10.64
N VAL A 142 5.03 9.91 11.78
CA VAL A 142 3.86 10.83 11.88
C VAL A 142 4.32 12.26 11.57
N ARG A 143 5.54 12.67 11.85
CA ARG A 143 5.91 14.09 11.65
C ARG A 143 6.44 14.31 10.23
N THR A 144 7.02 13.33 9.56
CA THR A 144 7.46 13.55 8.16
C THR A 144 6.30 13.27 7.19
N LYS A 145 5.26 12.50 7.56
CA LYS A 145 4.39 11.84 6.55
C LYS A 145 2.93 11.72 7.01
N ARG A 146 2.46 12.56 7.93
CA ARG A 146 1.05 12.41 8.41
C ARG A 146 0.07 12.66 7.25
N ASP A 147 0.39 13.50 6.27
CA ASP A 147 -0.56 13.75 5.15
C ASP A 147 -0.72 12.45 4.35
N TRP A 148 0.39 11.93 3.82
CA TRP A 148 0.44 10.62 3.10
C TRP A 148 -0.33 9.57 3.89
N LEU A 149 -0.10 9.50 5.21
CA LEU A 149 -0.74 8.47 6.06
C LEU A 149 -2.24 8.71 6.10
N VAL A 150 -2.68 9.97 6.22
CA VAL A 150 -4.12 10.31 6.20
C VAL A 150 -4.73 9.91 4.83
N LYS A 151 -4.10 10.31 3.74
CA LYS A 151 -4.53 9.99 2.35
C LYS A 151 -4.67 8.46 2.16
N GLN A 152 -3.79 7.65 2.76
CA GLN A 152 -3.74 6.17 2.58
C GLN A 152 -4.75 5.50 3.53
N ARG A 153 -5.51 6.32 4.27
CA ARG A 153 -6.47 5.84 5.29
C ARG A 153 -5.70 5.29 6.50
N GLY A 154 -4.54 5.88 6.79
CA GLY A 154 -3.72 5.51 7.97
C GLY A 154 -3.54 4.01 8.09
N TRP A 155 -3.79 3.47 9.28
CA TRP A 155 -3.47 2.05 9.60
C TRP A 155 -4.45 1.11 8.88
N ASP A 156 -5.65 1.60 8.55
CA ASP A 156 -6.63 0.85 7.72
C ASP A 156 -6.00 0.49 6.36
N GLY A 157 -5.34 1.46 5.71
CA GLY A 157 -4.66 1.28 4.41
C GLY A 157 -3.57 0.23 4.53
N PHE A 158 -2.86 0.22 5.67
CA PHE A 158 -1.73 -0.69 5.95
C PHE A 158 -2.24 -2.13 6.01
N VAL A 159 -3.30 -2.39 6.77
CA VAL A 159 -3.94 -3.74 6.93
C VAL A 159 -4.49 -4.25 5.58
N GLU A 160 -5.12 -3.39 4.79
CA GLU A 160 -5.70 -3.76 3.48
C GLU A 160 -4.54 -4.12 2.55
N PHE A 161 -3.51 -3.27 2.57
CA PHE A 161 -2.27 -3.42 1.77
C PHE A 161 -1.69 -4.82 1.94
N PHE A 162 -1.41 -5.20 3.19
CA PHE A 162 -0.57 -6.37 3.54
C PHE A 162 -1.42 -7.60 3.73
N HIS A 163 -2.76 -7.47 3.78
CA HIS A 163 -3.70 -8.61 3.56
C HIS A 163 -5.14 -8.10 3.49
N ASP B 15 1.41 10.11 -27.26
CA ASP B 15 1.40 10.25 -25.76
C ASP B 15 1.72 8.91 -25.10
N GLU B 16 2.99 8.71 -24.72
CA GLU B 16 3.57 7.42 -24.23
C GLU B 16 2.91 6.98 -22.91
N LEU B 17 2.58 7.91 -22.02
CA LEU B 17 1.97 7.57 -20.70
C LEU B 17 0.60 6.93 -20.94
N TYR B 18 -0.27 7.65 -21.66
CA TYR B 18 -1.62 7.23 -22.09
C TYR B 18 -1.56 5.85 -22.75
N ARG B 19 -0.59 5.62 -23.64
CA ARG B 19 -0.51 4.40 -24.46
C ARG B 19 -0.09 3.23 -23.54
N GLN B 20 0.81 3.47 -22.60
CA GLN B 20 1.33 2.41 -21.70
C GLN B 20 0.25 1.97 -20.72
N SER B 21 -0.52 2.93 -20.24
CA SER B 21 -1.60 2.78 -19.22
C SER B 21 -2.71 1.90 -19.82
N LEU B 22 -3.21 2.31 -20.99
CA LEU B 22 -4.21 1.58 -21.83
C LEU B 22 -3.72 0.15 -22.05
N GLU B 23 -2.46 -0.07 -22.41
CA GLU B 23 -1.99 -1.46 -22.66
C GLU B 23 -2.17 -2.29 -21.38
N ILE B 24 -1.70 -1.78 -20.25
CA ILE B 24 -1.72 -2.51 -18.94
C ILE B 24 -3.19 -2.74 -18.56
N ILE B 25 -3.98 -1.67 -18.51
CA ILE B 25 -5.37 -1.71 -17.99
C ILE B 25 -6.20 -2.57 -18.95
N SER B 26 -5.98 -2.40 -20.24
CA SER B 26 -6.68 -3.14 -21.31
C SER B 26 -6.40 -4.64 -21.14
N ARG B 27 -5.11 -5.03 -21.01
CA ARG B 27 -4.74 -6.47 -20.92
C ARG B 27 -5.35 -7.03 -19.65
N TYR B 28 -5.28 -6.31 -18.52
CA TYR B 28 -5.81 -6.79 -17.23
C TYR B 28 -7.31 -7.08 -17.40
N LEU B 29 -8.07 -6.12 -17.91
CA LEU B 29 -9.55 -6.28 -18.08
C LEU B 29 -9.86 -7.46 -19.00
N ARG B 30 -9.18 -7.51 -20.15
CA ARG B 30 -9.38 -8.58 -21.17
C ARG B 30 -9.13 -9.93 -20.53
N GLU B 31 -8.07 -10.08 -19.73
CA GLU B 31 -7.68 -11.44 -19.24
C GLU B 31 -8.58 -11.84 -18.08
N GLN B 32 -9.04 -10.89 -17.28
CA GLN B 32 -9.96 -11.14 -16.15
C GLN B 32 -11.29 -11.66 -16.73
N ALA B 33 -11.75 -11.01 -17.80
CA ALA B 33 -13.00 -11.35 -18.52
C ALA B 33 -12.98 -12.83 -18.97
N THR B 34 -11.92 -13.25 -19.64
CA THR B 34 -11.80 -14.60 -20.25
C THR B 34 -11.45 -15.63 -19.15
N GLY B 35 -10.55 -15.28 -18.23
CA GLY B 35 -10.13 -16.14 -17.11
C GLY B 35 -8.80 -16.85 -17.40
N ALA B 36 -7.91 -16.20 -18.16
CA ALA B 36 -6.70 -16.81 -18.74
C ALA B 36 -5.67 -15.72 -19.11
N LYS B 37 -4.57 -15.68 -18.34
CA LYS B 37 -3.45 -14.71 -18.46
C LYS B 37 -2.90 -14.72 -19.89
N ASP B 38 -2.54 -13.53 -20.41
CA ASP B 38 -1.84 -13.33 -21.71
C ASP B 38 -0.89 -12.14 -21.60
N GLY B 46 8.15 -1.31 -21.24
CA GLY B 46 8.80 -2.58 -21.60
C GLY B 46 8.85 -3.51 -20.40
N ALA B 47 9.97 -3.53 -19.68
CA ALA B 47 10.12 -4.29 -18.41
C ALA B 47 9.14 -3.70 -17.38
N THR B 48 8.90 -2.37 -17.45
CA THR B 48 7.94 -1.65 -16.57
C THR B 48 6.59 -2.36 -16.68
N SER B 49 6.03 -2.31 -17.88
CA SER B 49 4.73 -2.92 -18.25
C SER B 49 4.63 -4.36 -17.75
N ARG B 50 5.69 -5.18 -17.85
CA ARG B 50 5.62 -6.61 -17.41
C ARG B 50 5.39 -6.65 -15.90
N LYS B 51 6.05 -5.78 -15.14
CA LYS B 51 6.02 -5.83 -13.65
C LYS B 51 4.75 -5.10 -13.18
N ALA B 52 4.37 -3.99 -13.84
CA ALA B 52 3.08 -3.29 -13.58
C ALA B 52 1.94 -4.31 -13.66
N LEU B 53 1.86 -5.05 -14.76
CA LEU B 53 0.69 -5.92 -15.01
C LEU B 53 0.70 -7.03 -13.97
N GLU B 54 1.89 -7.48 -13.57
CA GLU B 54 2.03 -8.60 -12.61
C GLU B 54 1.62 -8.11 -11.22
N THR B 55 1.86 -6.83 -10.92
CA THR B 55 1.45 -6.19 -9.64
C THR B 55 -0.08 -6.10 -9.62
N LEU B 56 -0.62 -5.55 -10.71
CA LEU B 56 -2.08 -5.38 -10.94
C LEU B 56 -2.77 -6.73 -10.72
N ARG B 57 -2.24 -7.80 -11.28
CA ARG B 57 -2.84 -9.14 -11.05
C ARG B 57 -2.88 -9.38 -9.56
N ARG B 58 -1.77 -9.19 -8.86
CA ARG B 58 -1.75 -9.55 -7.42
C ARG B 58 -2.70 -8.63 -6.68
N VAL B 59 -2.60 -7.33 -6.90
CA VAL B 59 -3.35 -6.33 -6.08
C VAL B 59 -4.83 -6.30 -6.52
N GLY B 60 -5.09 -6.24 -7.82
CA GLY B 60 -6.46 -6.18 -8.36
C GLY B 60 -7.26 -7.38 -7.89
N ASP B 61 -6.68 -8.57 -7.98
CA ASP B 61 -7.36 -9.84 -7.58
C ASP B 61 -7.66 -9.80 -6.09
N GLY B 62 -6.77 -9.18 -5.29
CA GLY B 62 -6.96 -9.04 -3.83
C GLY B 62 -8.11 -8.11 -3.51
N VAL B 63 -8.13 -6.95 -4.17
CA VAL B 63 -9.26 -6.00 -4.02
C VAL B 63 -10.57 -6.72 -4.34
N GLN B 64 -10.62 -7.49 -5.43
CA GLN B 64 -11.88 -8.11 -5.92
C GLN B 64 -12.36 -9.12 -4.87
N ARG B 65 -11.45 -9.83 -4.23
CA ARG B 65 -11.76 -10.88 -3.22
C ARG B 65 -12.20 -10.18 -1.93
N ASN B 66 -11.44 -9.17 -1.50
CA ASN B 66 -11.63 -8.48 -0.21
C ASN B 66 -12.92 -7.64 -0.24
N HIS B 67 -13.33 -7.13 -1.40
CA HIS B 67 -14.52 -6.26 -1.48
C HIS B 67 -15.57 -6.87 -2.41
N GLU B 68 -15.61 -8.20 -2.52
CA GLU B 68 -16.52 -8.93 -3.44
C GLU B 68 -17.98 -8.53 -3.19
N THR B 69 -18.38 -8.38 -1.92
CA THR B 69 -19.79 -8.13 -1.53
C THR B 69 -20.18 -6.71 -1.96
N ALA B 70 -19.34 -5.72 -1.66
CA ALA B 70 -19.51 -4.32 -2.15
C ALA B 70 -19.55 -4.29 -3.68
N PHE B 71 -18.63 -4.95 -4.35
CA PHE B 71 -18.55 -4.98 -5.84
C PHE B 71 -19.83 -5.61 -6.42
N GLN B 72 -20.27 -6.74 -5.85
CA GLN B 72 -21.49 -7.46 -6.34
C GLN B 72 -22.71 -6.56 -6.12
N GLY B 73 -22.79 -5.92 -4.94
CA GLY B 73 -23.94 -5.04 -4.63
C GLY B 73 -24.00 -3.87 -5.57
N MET B 74 -22.83 -3.27 -5.86
CA MET B 74 -22.74 -2.15 -6.81
C MET B 74 -23.12 -2.64 -8.21
N LEU B 75 -22.65 -3.82 -8.63
CA LEU B 75 -23.01 -4.38 -9.97
C LEU B 75 -24.54 -4.59 -10.04
N ARG B 76 -25.19 -5.16 -9.03
CA ARG B 76 -26.68 -5.23 -9.05
C ARG B 76 -27.30 -3.83 -9.14
N LYS B 77 -26.84 -2.87 -8.36
CA LYS B 77 -27.42 -1.49 -8.38
C LYS B 77 -27.36 -0.92 -9.80
N LEU B 78 -26.23 -1.07 -10.50
CA LEU B 78 -26.04 -0.52 -11.85
C LEU B 78 -26.94 -1.23 -12.86
N ASP B 79 -27.27 -2.50 -12.65
CA ASP B 79 -28.15 -3.29 -13.58
C ASP B 79 -27.70 -3.15 -15.04
N ILE B 80 -26.57 -3.74 -15.40
CA ILE B 80 -25.95 -3.50 -16.73
C ILE B 80 -26.48 -4.56 -17.69
N LYS B 81 -27.18 -4.12 -18.75
CA LYS B 81 -27.82 -5.06 -19.72
C LYS B 81 -27.23 -4.87 -21.11
N ASN B 82 -26.66 -3.71 -21.44
CA ASN B 82 -26.36 -3.41 -22.86
C ASN B 82 -25.36 -2.26 -22.96
N GLU B 83 -24.99 -1.91 -24.18
CA GLU B 83 -23.88 -0.95 -24.44
C GLU B 83 -24.18 0.39 -23.76
N ASP B 84 -25.41 0.90 -23.88
CA ASP B 84 -25.79 2.20 -23.28
C ASP B 84 -25.42 2.17 -21.80
N ASP B 85 -25.85 1.12 -21.11
CA ASP B 85 -25.65 0.89 -19.65
C ASP B 85 -24.16 1.04 -19.31
N VAL B 86 -23.27 0.57 -20.19
CA VAL B 86 -21.80 0.66 -20.01
C VAL B 86 -21.27 2.09 -20.21
N LYS B 87 -21.73 2.83 -21.22
CA LYS B 87 -21.32 4.25 -21.47
C LYS B 87 -21.73 5.10 -20.27
N SER B 88 -22.93 4.82 -19.74
CA SER B 88 -23.53 5.42 -18.53
C SER B 88 -22.69 5.09 -17.29
N LEU B 89 -22.17 3.86 -17.28
CA LEU B 89 -21.34 3.32 -16.18
C LEU B 89 -20.09 4.19 -16.04
N SER B 90 -19.43 4.44 -17.17
CA SER B 90 -18.16 5.20 -17.29
C SER B 90 -18.27 6.51 -16.49
N ARG B 91 -19.32 7.31 -16.69
CA ARG B 91 -19.52 8.63 -16.02
C ARG B 91 -19.50 8.52 -14.49
N VAL B 92 -20.06 7.45 -13.93
CA VAL B 92 -20.10 7.29 -12.45
C VAL B 92 -18.68 7.02 -11.95
N MET B 93 -17.92 6.15 -12.64
CA MET B 93 -16.47 5.91 -12.44
C MET B 93 -15.70 7.23 -12.42
N ILE B 94 -15.84 8.03 -13.46
CA ILE B 94 -15.09 9.31 -13.58
C ILE B 94 -15.43 10.11 -12.33
N HIS B 95 -16.71 10.38 -12.08
CA HIS B 95 -17.06 11.25 -10.95
C HIS B 95 -16.52 10.65 -9.66
N VAL B 96 -16.79 9.38 -9.39
CA VAL B 96 -16.44 8.80 -8.06
C VAL B 96 -14.92 8.86 -7.93
N PHE B 97 -14.15 8.53 -8.98
CA PHE B 97 -12.68 8.60 -8.91
C PHE B 97 -12.20 10.02 -8.57
N SER B 98 -12.79 11.04 -9.20
CA SER B 98 -12.29 12.44 -9.18
C SER B 98 -12.72 13.13 -7.88
N ASP B 99 -13.84 12.68 -7.33
CA ASP B 99 -14.45 13.30 -6.14
C ASP B 99 -13.68 12.85 -4.89
N GLY B 100 -12.74 11.92 -5.02
CA GLY B 100 -11.91 11.43 -3.90
C GLY B 100 -10.43 11.74 -4.08
N VAL B 101 -9.62 11.34 -3.11
CA VAL B 101 -8.17 11.67 -3.15
C VAL B 101 -7.55 10.77 -4.23
N THR B 102 -6.55 11.29 -4.93
CA THR B 102 -5.70 10.51 -5.87
C THR B 102 -4.61 9.78 -5.07
N ASN B 103 -4.62 8.45 -5.10
CA ASN B 103 -3.62 7.57 -4.43
C ASN B 103 -3.69 6.21 -5.14
N TRP B 104 -2.63 5.43 -5.03
CA TRP B 104 -2.50 4.14 -5.75
C TRP B 104 -3.61 3.16 -5.32
N GLY B 105 -4.06 3.22 -4.07
CA GLY B 105 -5.21 2.42 -3.54
C GLY B 105 -6.50 2.64 -4.33
N ARG B 106 -6.91 3.89 -4.51
CA ARG B 106 -8.15 4.25 -5.23
C ARG B 106 -7.95 3.96 -6.71
N ILE B 107 -6.73 4.13 -7.24
CA ILE B 107 -6.48 3.89 -8.68
C ILE B 107 -6.71 2.40 -8.94
N VAL B 108 -6.09 1.56 -8.11
CA VAL B 108 -6.26 0.09 -8.18
C VAL B 108 -7.74 -0.25 -8.01
N THR B 109 -8.43 0.40 -7.08
CA THR B 109 -9.88 0.11 -6.82
C THR B 109 -10.69 0.41 -8.09
N LEU B 110 -10.36 1.49 -8.80
CA LEU B 110 -11.08 1.85 -10.05
C LEU B 110 -10.82 0.76 -11.07
N ILE B 111 -9.59 0.30 -11.18
CA ILE B 111 -9.19 -0.71 -12.20
C ILE B 111 -9.75 -2.08 -11.83
N SER B 112 -9.69 -2.48 -10.56
CA SER B 112 -10.28 -3.74 -10.06
C SER B 112 -11.78 -3.82 -10.35
N PHE B 113 -12.51 -2.72 -10.18
CA PHE B 113 -13.98 -2.72 -10.39
C PHE B 113 -14.25 -2.80 -11.90
N GLY B 114 -13.41 -2.14 -12.70
CA GLY B 114 -13.37 -2.31 -14.16
C GLY B 114 -13.28 -3.77 -14.58
N ALA B 115 -12.36 -4.51 -13.97
CA ALA B 115 -12.15 -5.95 -14.19
C ALA B 115 -13.40 -6.72 -13.76
N PHE B 116 -13.96 -6.38 -12.61
CA PHE B 116 -15.17 -7.05 -12.08
C PHE B 116 -16.30 -6.85 -13.07
N VAL B 117 -16.45 -5.63 -13.62
CA VAL B 117 -17.49 -5.31 -14.64
C VAL B 117 -17.16 -6.07 -15.95
N ALA B 118 -15.88 -6.20 -16.32
CA ALA B 118 -15.52 -6.90 -17.58
C ALA B 118 -15.99 -8.35 -17.50
N LYS B 119 -15.87 -8.99 -16.33
CA LYS B 119 -16.27 -10.41 -16.15
C LYS B 119 -17.77 -10.50 -16.41
N HIS B 120 -18.53 -9.59 -15.81
CA HIS B 120 -19.99 -9.52 -16.01
C HIS B 120 -20.33 -9.33 -17.49
N LEU B 121 -19.60 -8.47 -18.19
CA LEU B 121 -19.92 -8.09 -19.59
C LEU B 121 -19.79 -9.33 -20.46
N LYS B 122 -18.75 -10.11 -20.19
CA LYS B 122 -18.52 -11.38 -20.93
C LYS B 122 -19.76 -12.26 -20.76
N THR B 123 -20.40 -12.28 -19.59
CA THR B 123 -21.52 -13.23 -19.34
C THR B 123 -22.79 -12.73 -20.02
N ILE B 124 -22.95 -11.44 -20.31
CA ILE B 124 -24.18 -10.95 -21.02
C ILE B 124 -23.85 -10.71 -22.50
N ASN B 125 -22.77 -11.31 -22.99
CA ASN B 125 -22.38 -11.25 -24.42
C ASN B 125 -22.06 -9.81 -24.83
N GLN B 126 -21.54 -9.01 -23.91
CA GLN B 126 -21.12 -7.63 -24.18
C GLN B 126 -19.58 -7.51 -24.12
N GLU B 127 -18.85 -8.53 -24.56
CA GLU B 127 -17.38 -8.57 -24.56
C GLU B 127 -16.86 -7.33 -25.30
N SER B 128 -17.53 -6.92 -26.36
CA SER B 128 -16.99 -5.84 -27.21
C SER B 128 -17.04 -4.51 -26.46
N CYS B 129 -17.77 -4.39 -25.33
CA CYS B 129 -17.68 -3.15 -24.49
C CYS B 129 -16.45 -3.16 -23.58
N ILE B 130 -15.61 -4.21 -23.60
CA ILE B 130 -14.51 -4.30 -22.61
C ILE B 130 -13.41 -3.28 -22.93
N GLU B 131 -12.96 -3.23 -24.18
CA GLU B 131 -11.87 -2.31 -24.60
C GLU B 131 -12.33 -0.86 -24.45
N PRO B 132 -13.53 -0.44 -24.90
CA PRO B 132 -14.00 0.90 -24.58
C PRO B 132 -14.07 1.23 -23.07
N LEU B 133 -14.38 0.25 -22.21
CA LEU B 133 -14.40 0.46 -20.74
C LEU B 133 -12.94 0.69 -20.28
N ALA B 134 -12.00 -0.12 -20.76
CA ALA B 134 -10.56 0.06 -20.48
C ALA B 134 -10.13 1.47 -20.90
N GLU B 135 -10.58 1.96 -22.05
CA GLU B 135 -10.21 3.32 -22.54
C GLU B 135 -10.75 4.38 -21.58
N SER B 136 -12.02 4.24 -21.17
CA SER B 136 -12.71 5.16 -20.23
C SER B 136 -11.89 5.29 -18.94
N ILE B 137 -11.35 4.16 -18.46
CA ILE B 137 -10.62 4.09 -17.15
C ILE B 137 -9.26 4.75 -17.38
N THR B 138 -8.61 4.49 -18.50
CA THR B 138 -7.29 5.12 -18.80
C THR B 138 -7.49 6.62 -18.99
N ASP B 139 -8.56 7.00 -19.68
CA ASP B 139 -8.96 8.42 -19.88
C ASP B 139 -8.98 9.11 -18.52
N VAL B 140 -9.86 8.67 -17.62
CA VAL B 140 -10.10 9.31 -16.29
C VAL B 140 -8.77 9.56 -15.60
N LEU B 141 -7.87 8.55 -15.57
CA LEU B 141 -6.59 8.64 -14.84
C LEU B 141 -5.72 9.73 -15.45
N VAL B 142 -5.69 9.83 -16.77
CA VAL B 142 -4.69 10.65 -17.52
C VAL B 142 -5.33 12.00 -17.89
N ARG B 143 -6.59 12.02 -18.27
CA ARG B 143 -7.27 13.31 -18.54
C ARG B 143 -7.27 14.16 -17.26
N THR B 144 -7.48 13.56 -16.08
CA THR B 144 -7.63 14.31 -14.80
C THR B 144 -6.32 14.43 -14.02
N LYS B 145 -5.38 13.47 -14.09
CA LYS B 145 -4.28 13.36 -13.09
C LYS B 145 -2.96 12.95 -13.74
N ARG B 146 -2.76 13.27 -15.01
CA ARG B 146 -1.43 13.10 -15.68
C ARG B 146 -0.35 13.73 -14.80
N ASP B 147 -0.59 14.93 -14.26
CA ASP B 147 0.45 15.69 -13.50
C ASP B 147 0.86 14.87 -12.30
N TRP B 148 -0.10 14.50 -11.45
CA TRP B 148 0.10 13.62 -10.27
C TRP B 148 0.84 12.36 -10.72
N LEU B 149 0.41 11.75 -11.82
CA LEU B 149 0.98 10.46 -12.28
C LEU B 149 2.45 10.68 -12.68
N VAL B 150 2.74 11.82 -13.32
CA VAL B 150 4.12 12.15 -13.79
C VAL B 150 5.06 12.27 -12.59
N LYS B 151 4.69 13.07 -11.58
CA LYS B 151 5.48 13.23 -10.33
C LYS B 151 5.68 11.86 -9.66
N GLN B 152 4.73 10.92 -9.80
CA GLN B 152 4.78 9.61 -9.10
C GLN B 152 5.69 8.63 -9.85
N ARG B 153 6.28 9.06 -10.97
CA ARG B 153 7.12 8.20 -11.85
C ARG B 153 6.22 7.15 -12.52
N GLY B 154 5.03 7.58 -12.98
CA GLY B 154 4.04 6.73 -13.67
C GLY B 154 3.97 5.33 -13.09
N TRP B 155 4.12 4.31 -13.94
CA TRP B 155 3.88 2.88 -13.58
C TRP B 155 5.07 2.30 -12.83
N ASP B 156 6.21 2.99 -12.79
CA ASP B 156 7.36 2.59 -11.94
C ASP B 156 6.98 2.88 -10.48
N GLY B 157 6.40 4.05 -10.21
CA GLY B 157 5.86 4.38 -8.88
C GLY B 157 4.89 3.29 -8.43
N PHE B 158 4.00 2.90 -9.35
CA PHE B 158 2.94 1.90 -9.08
C PHE B 158 3.60 0.64 -8.55
N VAL B 159 4.53 0.07 -9.30
CA VAL B 159 5.22 -1.21 -8.94
C VAL B 159 5.91 -1.03 -7.57
N GLU B 160 6.64 0.08 -7.42
CA GLU B 160 7.31 0.49 -6.15
C GLU B 160 6.30 0.43 -5.00
N PHE B 161 5.20 1.20 -5.10
CA PHE B 161 4.17 1.31 -4.02
C PHE B 161 3.77 -0.07 -3.47
N PHE B 162 3.49 -1.04 -4.34
CA PHE B 162 2.92 -2.35 -3.93
C PHE B 162 4.07 -3.37 -3.77
N HIS B 163 5.30 -2.96 -4.11
CA HIS B 163 6.55 -3.75 -3.95
C HIS B 163 6.70 -4.23 -2.51
N VAL B 164 6.73 -5.55 -2.30
CA VAL B 164 6.93 -6.15 -0.96
C VAL B 164 7.97 -7.29 -1.05
N GLU B 165 8.95 -7.18 -1.97
CA GLU B 165 9.98 -8.21 -2.32
C GLU B 165 9.26 -9.51 -2.76
#